data_3BQR
#
_entry.id   3BQR
#
_cell.length_a   83.533
_cell.length_b   83.533
_cell.length_c   113.693
_cell.angle_alpha   90.000
_cell.angle_beta   90.000
_cell.angle_gamma   90.000
#
_symmetry.space_group_name_H-M   'P 43 21 2'
#
loop_
_entity.id
_entity.type
_entity.pdbx_description
1 polymer 'Death-associated protein kinase 3'
2 non-polymer '4-(6-{[(1R)-1-(hydroxymethyl)propyl]amino}imidazo[1,2-b]pyridazin-3-yl)benzoic acid'
3 non-polymer S-1,2-PROPANEDIOL
4 non-polymer GLYCEROL
5 water water
#
_entity_poly.entity_id   1
_entity_poly.type   'polypeptide(L)'
_entity_poly.pdbx_seq_one_letter_code
;SMVEDHYEMGEELGSGQFAIVRKCRQKGTGKEYAAKFIKKRRLSSSRRGVSREEIEREVNILREIRHPNIITLHDIFENK
TDVVLILELVSGGELFDFLAEKESLTEDEATQFLKQILDGVHYLHSKRIAHFDLKPENIMLLDKNVPNPRIKLIDFGIAH
KIEAGNEFKNIFGTPEFVAPEIVNYEPLGLEADMWSIGVITYILLSGASPFLGETKQETLTNISAVNYDFDEEYFSNTSE
LAKDFIRRLLVKDPKRRMTIAQSLEHSWIKAIRRRNVRGEDSG
;
_entity_poly.pdbx_strand_id   A
#
loop_
_chem_comp.id
_chem_comp.type
_chem_comp.name
_chem_comp.formula
4RB non-polymer '4-(6-{[(1R)-1-(hydroxymethyl)propyl]amino}imidazo[1,2-b]pyridazin-3-yl)benzoic acid' 'C17 H18 N4 O3'
GOL non-polymer GLYCEROL 'C3 H8 O3'
PGO non-polymer S-1,2-PROPANEDIOL 'C3 H8 O2'
#
# COMPACT_ATOMS: atom_id res chain seq x y z
N SER A 1 -26.75 -11.91 19.04
CA SER A 1 -27.63 -11.69 17.84
C SER A 1 -27.11 -10.55 16.98
N MET A 2 -26.90 -9.39 17.61
CA MET A 2 -26.25 -8.24 16.98
C MET A 2 -24.77 -8.61 16.79
N VAL A 3 -24.25 -8.47 15.57
CA VAL A 3 -22.82 -8.76 15.30
C VAL A 3 -21.90 -7.97 16.24
N GLU A 4 -22.23 -6.70 16.49
CA GLU A 4 -21.44 -5.85 17.40
C GLU A 4 -21.25 -6.46 18.77
N ASP A 5 -22.30 -7.14 19.25
CA ASP A 5 -22.30 -7.77 20.57
C ASP A 5 -21.46 -9.03 20.64
N HIS A 6 -20.99 -9.52 19.50
CA HIS A 6 -20.11 -10.70 19.48
C HIS A 6 -18.65 -10.35 19.67
N TYR A 7 -18.29 -9.06 19.76
CA TYR A 7 -16.88 -8.66 19.94
C TYR A 7 -16.70 -7.78 21.17
N GLU A 8 -15.75 -8.15 22.01
CA GLU A 8 -15.37 -7.36 23.16
C GLU A 8 -14.21 -6.44 22.78
N MET A 9 -14.45 -5.14 22.75
CA MET A 9 -13.42 -4.19 22.36
C MET A 9 -12.38 -4.00 23.44
N GLY A 10 -11.12 -3.88 23.03
CA GLY A 10 -10.04 -3.62 23.95
C GLY A 10 -9.35 -2.31 23.65
N GLU A 11 -8.04 -2.29 23.83
CA GLU A 11 -7.29 -1.05 23.77
C GLU A 11 -7.08 -0.55 22.36
N GLU A 12 -6.83 0.76 22.25
CA GLU A 12 -6.42 1.37 21.00
C GLU A 12 -5.06 0.82 20.51
N LEU A 13 -5.00 0.51 19.23
CA LEU A 13 -3.74 0.11 18.57
C LEU A 13 -3.16 1.30 17.82
N GLY A 14 -4.02 2.12 17.25
CA GLY A 14 -3.59 3.31 16.59
C GLY A 14 -4.75 4.11 16.01
N SER A 15 -4.44 5.27 15.45
CA SER A 15 -5.47 6.18 14.97
C SER A 15 -4.99 6.95 13.76
N GLY A 16 -5.92 7.30 12.89
CA GLY A 16 -5.65 8.20 11.78
C GLY A 16 -6.70 9.27 11.76
N GLN A 17 -6.74 9.99 10.64
CA GLN A 17 -7.67 11.10 10.43
C GLN A 17 -9.12 10.63 10.56
N PHE A 18 -9.39 9.47 9.96
CA PHE A 18 -10.75 8.99 9.70
C PHE A 18 -11.14 7.68 10.45
N ALA A 19 -10.18 7.09 11.14
CA ALA A 19 -10.35 5.74 11.65
C ALA A 19 -9.53 5.54 12.95
N ILE A 20 -10.07 4.74 13.84
CA ILE A 20 -9.35 4.28 15.02
C ILE A 20 -9.35 2.75 15.00
N VAL A 21 -8.19 2.13 15.26
CA VAL A 21 -8.06 0.66 15.29
C VAL A 21 -7.92 0.24 16.73
N ARG A 22 -8.73 -0.73 17.16
CA ARG A 22 -8.71 -1.23 18.53
C ARG A 22 -8.47 -2.74 18.46
N LYS A 23 -7.81 -3.29 19.46
CA LYS A 23 -7.75 -4.74 19.57
C LYS A 23 -9.13 -5.22 20.04
N CYS A 24 -9.55 -6.39 19.57
CA CYS A 24 -10.79 -6.98 20.07
C CYS A 24 -10.75 -8.50 20.10
N ARG A 25 -11.74 -9.07 20.79
CA ARG A 25 -11.80 -10.53 20.96
C ARG A 25 -13.18 -10.99 20.59
N GLN A 26 -13.26 -12.02 19.74
CA GLN A 26 -14.56 -12.63 19.44
C GLN A 26 -15.03 -13.45 20.64
N LYS A 27 -16.22 -13.11 21.15
CA LYS A 27 -16.66 -13.63 22.47
C LYS A 27 -16.70 -15.17 22.49
N GLY A 28 -17.21 -15.78 21.43
CA GLY A 28 -17.45 -17.22 21.43
C GLY A 28 -16.20 -18.04 21.21
N THR A 29 -15.36 -17.63 20.27
CA THR A 29 -14.16 -18.39 19.93
C THR A 29 -12.96 -17.97 20.76
N GLY A 30 -12.99 -16.76 21.33
CA GLY A 30 -11.82 -16.23 22.03
C GLY A 30 -10.72 -15.71 21.10
N LYS A 31 -10.94 -15.75 19.79
CA LYS A 31 -9.90 -15.34 18.85
C LYS A 31 -9.83 -13.83 18.82
N GLU A 32 -8.62 -13.27 18.72
CA GLU A 32 -8.44 -11.81 18.64
C GLU A 32 -8.32 -11.30 17.22
N TYR A 33 -8.75 -10.05 17.07
CA TYR A 33 -8.83 -9.38 15.79
C TYR A 33 -8.48 -7.92 16.01
N ALA A 34 -8.30 -7.21 14.90
CA ALA A 34 -8.14 -5.77 14.87
C ALA A 34 -9.46 -5.19 14.40
N ALA A 35 -9.99 -4.22 15.12
CA ALA A 35 -11.27 -3.60 14.76
C ALA A 35 -10.98 -2.19 14.30
N LYS A 36 -11.21 -1.95 13.02
CA LYS A 36 -11.06 -0.60 12.42
C LYS A 36 -12.38 0.15 12.38
N PHE A 37 -12.50 1.17 13.22
CA PHE A 37 -13.70 2.02 13.33
C PHE A 37 -13.58 3.17 12.36
N ILE A 38 -14.45 3.18 11.35
CA ILE A 38 -14.46 4.25 10.32
C ILE A 38 -15.62 5.16 10.64
N LYS A 39 -15.30 6.41 10.95
CA LYS A 39 -16.31 7.41 11.30
C LYS A 39 -17.11 7.82 10.09
N LYS A 40 -18.42 7.64 10.17
CA LYS A 40 -19.32 7.91 9.04
C LYS A 40 -19.56 9.41 8.89
N ARG A 41 -19.60 9.85 7.64
CA ARG A 41 -19.95 11.22 7.31
C ARG A 41 -21.43 11.40 7.64
N ARG A 42 -21.80 12.56 8.17
CA ARG A 42 -23.19 12.77 8.65
C ARG A 42 -24.15 13.37 7.61
N LEU A 43 -23.63 14.17 6.70
CA LEU A 43 -24.44 14.70 5.61
C LEU A 43 -23.58 14.64 4.39
N SER A 44 -24.21 14.33 3.25
CA SER A 44 -23.53 14.33 1.95
C SER A 44 -22.69 15.55 1.76
N SER A 45 -23.18 16.67 2.27
CA SER A 45 -22.53 17.96 2.04
C SER A 45 -21.40 18.22 3.03
N SER A 46 -21.26 17.37 4.06
CA SER A 46 -20.19 17.53 5.05
C SER A 46 -18.85 17.18 4.42
N ARG A 47 -17.80 17.78 5.00
CA ARG A 47 -16.44 17.46 4.59
C ARG A 47 -15.68 16.66 5.64
N ARG A 48 -16.40 16.13 6.61
CA ARG A 48 -15.81 15.31 7.66
C ARG A 48 -16.33 13.87 7.61
N GLY A 49 -15.56 12.98 8.21
CA GLY A 49 -15.86 11.58 8.13
C GLY A 49 -15.71 11.07 6.73
N VAL A 50 -16.17 9.83 6.55
CA VAL A 50 -16.02 9.11 5.30
C VAL A 50 -17.41 8.84 4.76
N SER A 51 -17.59 9.12 3.49
CA SER A 51 -18.88 8.95 2.85
C SER A 51 -19.21 7.47 2.71
N ARG A 52 -20.50 7.16 2.65
CA ARG A 52 -20.97 5.80 2.42
C ARG A 52 -20.30 5.13 1.23
N GLU A 53 -20.18 5.90 0.15
CA GLU A 53 -19.63 5.41 -1.10
C GLU A 53 -18.15 5.05 -0.91
N GLU A 54 -17.42 5.88 -0.15
CA GLU A 54 -15.98 5.62 0.09
C GLU A 54 -15.78 4.36 1.00
N ILE A 55 -16.64 4.20 2.00
CA ILE A 55 -16.64 2.99 2.89
C ILE A 55 -16.93 1.73 2.08
N GLU A 56 -17.98 1.78 1.26
CA GLU A 56 -18.36 0.64 0.42
C GLU A 56 -17.24 0.28 -0.55
N ARG A 57 -16.50 1.28 -1.03
CA ARG A 57 -15.44 1.04 -2.00
C ARG A 57 -14.36 0.15 -1.33
N GLU A 58 -13.95 0.55 -0.13
CA GLU A 58 -12.91 -0.19 0.62
C GLU A 58 -13.40 -1.59 0.99
N VAL A 59 -14.63 -1.67 1.50
CA VAL A 59 -15.17 -2.94 2.00
C VAL A 59 -15.37 -3.89 0.81
N ASN A 60 -15.86 -3.38 -0.32
CA ASN A 60 -16.05 -4.25 -1.49
C ASN A 60 -14.71 -4.81 -2.00
N ILE A 61 -13.67 -3.99 -2.00
CA ILE A 61 -12.31 -4.43 -2.36
C ILE A 61 -11.81 -5.48 -1.35
N LEU A 62 -11.93 -5.24 -0.05
CA LEU A 62 -11.49 -6.20 0.95
C LEU A 62 -12.21 -7.53 0.82
N ARG A 63 -13.48 -7.46 0.50
CA ARG A 63 -14.25 -8.68 0.34
C ARG A 63 -13.84 -9.48 -0.86
N GLU A 64 -13.42 -8.83 -1.94
CA GLU A 64 -13.04 -9.56 -3.15
C GLU A 64 -11.68 -10.24 -3.02
N ILE A 65 -10.79 -9.68 -2.23
CA ILE A 65 -9.38 -10.06 -2.36
C ILE A 65 -9.07 -11.17 -1.34
N ARG A 66 -8.29 -12.16 -1.79
CA ARG A 66 -7.85 -13.29 -0.96
C ARG A 66 -6.48 -13.71 -1.46
N HIS A 67 -5.48 -13.41 -0.67
CA HIS A 67 -4.09 -13.72 -1.05
C HIS A 67 -3.26 -13.77 0.21
N PRO A 68 -2.27 -14.70 0.27
CA PRO A 68 -1.47 -14.79 1.51
C PRO A 68 -0.80 -13.51 1.97
N ASN A 69 -0.44 -12.62 1.05
CA ASN A 69 0.24 -11.36 1.43
C ASN A 69 -0.67 -10.14 1.50
N ILE A 70 -1.98 -10.37 1.63
CA ILE A 70 -3.00 -9.34 1.74
C ILE A 70 -3.86 -9.61 2.97
N ILE A 71 -4.11 -8.54 3.75
CA ILE A 71 -4.93 -8.60 4.97
C ILE A 71 -6.29 -9.21 4.70
N THR A 72 -6.81 -10.00 5.65
CA THR A 72 -8.14 -10.56 5.56
C THR A 72 -9.19 -9.86 6.42
N LEU A 73 -10.31 -9.53 5.77
CA LEU A 73 -11.50 -9.08 6.44
C LEU A 73 -12.30 -10.25 6.99
N HIS A 74 -12.52 -10.23 8.29
CA HIS A 74 -13.25 -11.32 8.96
C HIS A 74 -14.74 -11.07 9.13
N ASP A 75 -15.11 -9.84 9.47
CA ASP A 75 -16.48 -9.50 9.71
C ASP A 75 -16.60 -7.98 9.61
N ILE A 76 -17.84 -7.51 9.72
CA ILE A 76 -18.16 -6.11 9.60
C ILE A 76 -19.44 -5.84 10.38
N PHE A 77 -19.51 -4.69 11.06
CA PHE A 77 -20.79 -4.21 11.56
C PHE A 77 -20.86 -2.70 11.50
N GLU A 78 -22.02 -2.15 11.80
CA GLU A 78 -22.20 -0.74 11.76
C GLU A 78 -23.05 -0.32 12.96
N ASN A 79 -22.74 0.83 13.53
CA ASN A 79 -23.59 1.39 14.58
C ASN A 79 -23.95 2.81 14.17
N LYS A 80 -24.40 3.63 15.11
CA LYS A 80 -24.87 4.98 14.81
C LYS A 80 -23.83 5.86 14.16
N THR A 81 -22.57 5.71 14.60
CA THR A 81 -21.50 6.63 14.25
C THR A 81 -20.45 6.07 13.32
N ASP A 82 -20.23 4.76 13.38
CA ASP A 82 -19.08 4.10 12.69
C ASP A 82 -19.50 2.86 11.92
N VAL A 83 -18.75 2.54 10.87
CA VAL A 83 -18.72 1.20 10.28
C VAL A 83 -17.44 0.53 10.79
N VAL A 84 -17.56 -0.70 11.29
CA VAL A 84 -16.44 -1.34 11.97
C VAL A 84 -16.01 -2.54 11.16
N LEU A 85 -14.75 -2.51 10.69
CA LEU A 85 -14.18 -3.62 9.98
C LEU A 85 -13.42 -4.49 10.97
N ILE A 86 -13.78 -5.76 11.01
CA ILE A 86 -13.06 -6.72 11.86
C ILE A 86 -12.04 -7.46 10.99
N LEU A 87 -10.77 -7.16 11.24
CA LEU A 87 -9.67 -7.64 10.43
C LEU A 87 -8.79 -8.60 11.19
N GLU A 88 -8.17 -9.52 10.46
CA GLU A 88 -7.08 -10.38 10.93
C GLU A 88 -6.09 -9.58 11.79
N LEU A 89 -5.79 -10.08 12.99
CA LEU A 89 -4.78 -9.43 13.84
C LEU A 89 -3.40 -9.84 13.41
N VAL A 90 -2.56 -8.85 13.15
CA VAL A 90 -1.17 -9.01 12.72
C VAL A 90 -0.27 -8.30 13.75
N SER A 91 0.61 -9.08 14.39
CA SER A 91 1.30 -8.60 15.60
C SER A 91 2.78 -8.28 15.46
N GLY A 92 3.35 -8.38 14.24
CA GLY A 92 4.79 -8.09 14.06
C GLY A 92 5.17 -6.70 13.66
N GLY A 93 4.25 -5.75 13.77
CA GLY A 93 4.55 -4.34 13.47
C GLY A 93 4.52 -4.09 11.99
N GLU A 94 4.94 -2.88 11.58
CA GLU A 94 4.97 -2.45 10.19
C GLU A 94 6.37 -2.59 9.65
N LEU A 95 6.49 -2.60 8.35
CA LEU A 95 7.81 -2.62 7.69
C LEU A 95 8.55 -1.32 8.05
N PHE A 96 7.78 -0.24 8.24
CA PHE A 96 8.27 1.06 8.69
C PHE A 96 9.12 0.94 9.97
N ASP A 97 8.54 0.25 10.95
CA ASP A 97 9.21 -0.01 12.26
C ASP A 97 10.47 -0.90 12.09
N PHE A 98 10.32 -1.94 11.27
CA PHE A 98 11.38 -2.93 11.05
C PHE A 98 12.61 -2.25 10.45
N LEU A 99 12.37 -1.46 9.40
CA LEU A 99 13.44 -0.72 8.73
C LEU A 99 14.12 0.31 9.68
N ALA A 100 13.32 0.99 10.49
CA ALA A 100 13.80 1.98 11.45
C ALA A 100 14.76 1.31 12.43
N GLU A 101 14.49 0.04 12.78
CA GLU A 101 15.36 -0.70 13.71
C GLU A 101 16.66 -1.18 13.03
N LYS A 102 16.54 -1.63 11.78
CA LYS A 102 17.69 -2.14 11.04
C LYS A 102 18.53 -1.03 10.41
N GLU A 103 17.96 0.17 10.29
CA GLU A 103 18.57 1.33 9.57
C GLU A 103 18.45 1.22 8.05
N SER A 104 19.01 0.12 7.51
CA SER A 104 18.84 -0.24 6.10
C SER A 104 18.97 -1.76 5.93
N LEU A 105 18.49 -2.24 4.81
CA LEU A 105 18.52 -3.67 4.51
C LEU A 105 19.56 -3.97 3.43
N THR A 106 20.09 -5.18 3.49
CA THR A 106 20.94 -5.67 2.45
C THR A 106 20.06 -5.98 1.27
N GLU A 107 20.67 -6.20 0.09
CA GLU A 107 19.92 -6.52 -1.10
C GLU A 107 19.17 -7.86 -0.96
N ASP A 108 19.79 -8.82 -0.28
CA ASP A 108 19.12 -10.11 -0.05
C ASP A 108 17.90 -9.92 0.86
N GLU A 109 18.06 -9.14 1.93
CA GLU A 109 16.94 -8.82 2.84
C GLU A 109 15.83 -8.02 2.14
N ALA A 110 16.22 -7.03 1.35
CA ALA A 110 15.29 -6.19 0.60
C ALA A 110 14.47 -7.03 -0.38
N THR A 111 15.13 -7.90 -1.15
CA THR A 111 14.42 -8.70 -2.12
C THR A 111 13.47 -9.73 -1.49
N GLN A 112 13.83 -10.27 -0.32
CA GLN A 112 12.91 -11.18 0.38
C GLN A 112 11.57 -10.48 0.71
N PHE A 113 11.63 -9.22 1.12
CA PHE A 113 10.40 -8.44 1.30
C PHE A 113 9.72 -8.09 -0.03
N LEU A 114 10.50 -7.58 -0.96
CA LEU A 114 9.98 -7.16 -2.24
C LEU A 114 9.31 -8.25 -3.03
N LYS A 115 9.86 -9.45 -3.03
CA LYS A 115 9.17 -10.57 -3.72
C LYS A 115 7.73 -10.72 -3.25
N GLN A 116 7.55 -10.60 -1.94
CA GLN A 116 6.21 -10.71 -1.36
C GLN A 116 5.32 -9.55 -1.72
N ILE A 117 5.85 -8.33 -1.61
CA ILE A 117 5.08 -7.16 -2.00
C ILE A 117 4.67 -7.24 -3.49
N LEU A 118 5.61 -7.65 -4.35
CA LEU A 118 5.36 -7.80 -5.77
C LEU A 118 4.25 -8.86 -6.05
N ASP A 119 4.28 -10.01 -5.35
CA ASP A 119 3.26 -11.06 -5.44
C ASP A 119 1.89 -10.52 -5.07
N GLY A 120 1.83 -9.79 -3.96
CA GLY A 120 0.57 -9.20 -3.50
C GLY A 120 0.03 -8.15 -4.46
N VAL A 121 0.90 -7.28 -4.96
CA VAL A 121 0.50 -6.26 -5.96
C VAL A 121 0.13 -6.94 -7.31
N HIS A 122 0.86 -8.01 -7.66
CA HIS A 122 0.53 -8.76 -8.88
C HIS A 122 -0.91 -9.22 -8.80
N TYR A 123 -1.28 -9.74 -7.64
CA TYR A 123 -2.65 -10.20 -7.43
C TYR A 123 -3.65 -9.06 -7.58
N LEU A 124 -3.44 -7.96 -6.89
CA LEU A 124 -4.30 -6.79 -6.94
C LEU A 124 -4.44 -6.29 -8.34
N HIS A 125 -3.32 -6.17 -9.05
CA HIS A 125 -3.37 -5.68 -10.42
C HIS A 125 -4.11 -6.62 -11.36
N SER A 126 -4.03 -7.93 -11.11
CA SER A 126 -4.78 -8.92 -11.89
C SER A 126 -6.31 -8.72 -11.78
N LYS A 127 -6.75 -8.16 -10.66
CA LYS A 127 -8.13 -7.83 -10.40
C LYS A 127 -8.47 -6.38 -10.69
N ARG A 128 -7.56 -5.70 -11.37
CA ARG A 128 -7.70 -4.29 -11.76
C ARG A 128 -7.81 -3.33 -10.57
N ILE A 129 -7.21 -3.72 -9.45
CA ILE A 129 -7.25 -2.92 -8.22
C ILE A 129 -5.89 -2.23 -8.04
N ALA A 130 -5.93 -0.91 -7.98
CA ALA A 130 -4.76 -0.10 -7.63
C ALA A 130 -4.89 0.20 -6.16
N HIS A 131 -3.83 -0.05 -5.40
CA HIS A 131 -3.87 0.25 -3.95
C HIS A 131 -3.81 1.75 -3.67
N PHE A 132 -2.92 2.43 -4.39
CA PHE A 132 -2.73 3.90 -4.35
C PHE A 132 -2.11 4.49 -3.03
N ASP A 133 -1.79 3.66 -2.06
CA ASP A 133 -1.13 4.15 -0.84
C ASP A 133 -0.12 3.13 -0.30
N LEU A 134 0.63 2.55 -1.20
CA LEU A 134 1.72 1.67 -0.80
C LEU A 134 2.83 2.48 -0.17
N LYS A 135 3.21 2.04 1.02
CA LYS A 135 4.32 2.60 1.74
C LYS A 135 4.67 1.68 2.88
N PRO A 136 5.85 1.89 3.50
CA PRO A 136 6.22 0.92 4.55
C PRO A 136 5.27 0.85 5.74
N GLU A 137 4.55 1.91 6.04
CA GLU A 137 3.56 1.89 7.12
C GLU A 137 2.35 1.02 6.81
N ASN A 138 2.13 0.73 5.53
CA ASN A 138 0.97 -0.07 5.10
C ASN A 138 1.36 -1.48 4.75
N ILE A 139 2.48 -1.94 5.29
CA ILE A 139 2.95 -3.28 5.08
C ILE A 139 3.27 -3.84 6.45
N MET A 140 2.48 -4.79 6.91
CA MET A 140 2.65 -5.39 8.23
C MET A 140 3.39 -6.71 8.18
N LEU A 141 4.07 -7.04 9.27
CA LEU A 141 4.78 -8.29 9.44
C LEU A 141 4.02 -9.23 10.36
N LEU A 142 3.93 -10.49 10.00
CA LEU A 142 3.35 -11.49 10.88
C LEU A 142 4.17 -11.70 12.16
N ASP A 143 5.48 -11.77 11.97
CA ASP A 143 6.41 -12.00 13.09
C ASP A 143 7.74 -11.40 12.70
N LYS A 144 8.15 -10.41 13.48
CA LYS A 144 9.37 -9.66 13.18
C LYS A 144 10.63 -10.34 13.64
N ASN A 145 10.50 -11.35 14.49
CA ASN A 145 11.67 -12.01 15.07
C ASN A 145 12.06 -13.28 14.33
N VAL A 146 11.82 -13.33 13.02
CA VAL A 146 12.33 -14.38 12.14
C VAL A 146 13.27 -13.74 11.12
N PRO A 147 14.13 -14.55 10.47
CA PRO A 147 15.06 -13.91 9.56
C PRO A 147 14.45 -13.41 8.24
N ASN A 148 13.37 -14.08 7.80
CA ASN A 148 12.68 -13.76 6.52
C ASN A 148 11.17 -13.44 6.79
N PRO A 149 10.87 -12.27 7.39
CA PRO A 149 9.47 -12.09 7.89
C PRO A 149 8.44 -12.09 6.75
N ARG A 150 7.26 -12.61 7.04
CA ARG A 150 6.14 -12.64 6.09
C ARG A 150 5.35 -11.35 6.23
N ILE A 151 4.82 -10.85 5.12
CA ILE A 151 4.12 -9.58 5.15
C ILE A 151 2.70 -9.64 4.64
N LYS A 152 1.95 -8.65 5.09
CA LYS A 152 0.56 -8.44 4.67
C LYS A 152 0.39 -6.95 4.29
N LEU A 153 -0.13 -6.72 3.08
CA LEU A 153 -0.55 -5.39 2.67
C LEU A 153 -1.84 -5.03 3.40
N ILE A 154 -1.89 -3.79 3.90
CA ILE A 154 -3.07 -3.27 4.57
C ILE A 154 -3.47 -1.91 3.99
N ASP A 155 -4.58 -1.39 4.52
CA ASP A 155 -5.11 -0.07 4.23
C ASP A 155 -5.50 0.16 2.77
N PHE A 156 -6.71 -0.31 2.47
CA PHE A 156 -7.36 -0.15 1.18
C PHE A 156 -8.29 1.06 1.11
N GLY A 157 -7.99 2.03 1.97
CA GLY A 157 -8.75 3.26 2.14
C GLY A 157 -8.88 4.10 0.87
N ILE A 158 -7.90 4.07 -0.02
CA ILE A 158 -8.03 4.81 -1.26
C ILE A 158 -7.84 3.92 -2.48
N ALA A 159 -7.85 2.61 -2.27
CA ALA A 159 -7.76 1.68 -3.36
C ALA A 159 -8.98 1.84 -4.28
N HIS A 160 -8.77 1.68 -5.59
CA HIS A 160 -9.87 1.74 -6.58
C HIS A 160 -9.72 0.62 -7.61
N LYS A 161 -10.87 0.16 -8.09
CA LYS A 161 -10.90 -0.56 -9.37
C LYS A 161 -10.65 0.39 -10.54
N ILE A 162 -9.79 -0.04 -11.44
CA ILE A 162 -9.45 0.73 -12.62
C ILE A 162 -10.26 0.11 -13.76
N GLU A 163 -11.16 0.87 -14.34
CA GLU A 163 -11.84 0.39 -15.57
C GLU A 163 -10.91 0.60 -16.77
N ALA A 164 -11.14 -0.14 -17.86
CA ALA A 164 -10.60 0.28 -19.16
C ALA A 164 -11.65 1.25 -19.74
N GLY A 165 -11.30 2.52 -19.93
CA GLY A 165 -12.29 3.54 -20.35
C GLY A 165 -11.76 4.84 -20.97
N ASN A 166 -12.60 5.49 -21.76
CA ASN A 166 -12.27 6.77 -22.38
C ASN A 166 -13.36 7.81 -22.10
N ASN A 170 -16.94 10.99 -25.45
CA ASN A 170 -17.57 10.47 -26.68
C ASN A 170 -16.53 10.31 -27.78
N ILE A 171 -15.81 9.18 -27.75
CA ILE A 171 -14.76 8.93 -28.75
C ILE A 171 -15.31 8.81 -30.18
N PHE A 172 -16.62 8.61 -30.30
CA PHE A 172 -17.29 8.50 -31.59
C PHE A 172 -17.72 9.89 -32.10
N GLY A 173 -18.15 10.76 -31.20
CA GLY A 173 -18.60 12.12 -31.57
C GLY A 173 -17.49 13.09 -32.02
N THR A 174 -17.88 14.27 -32.44
CA THR A 174 -16.90 15.33 -32.68
C THR A 174 -16.16 15.72 -31.38
N PRO A 175 -14.83 15.97 -31.46
CA PRO A 175 -14.09 16.53 -30.35
C PRO A 175 -14.07 18.06 -30.33
N GLU A 176 -14.73 18.68 -31.29
CA GLU A 176 -14.72 20.15 -31.50
C GLU A 176 -15.06 21.00 -30.26
N PHE A 177 -15.88 20.47 -29.35
CA PHE A 177 -16.40 21.23 -28.18
C PHE A 177 -15.83 20.76 -26.89
N VAL A 178 -14.89 19.81 -26.95
CA VAL A 178 -14.33 19.20 -25.78
C VAL A 178 -13.21 20.05 -25.19
N ALA A 179 -13.24 20.22 -23.86
CA ALA A 179 -12.22 21.00 -23.13
C ALA A 179 -10.82 20.35 -23.18
N PRO A 180 -9.76 21.16 -23.12
CA PRO A 180 -8.40 20.63 -23.19
C PRO A 180 -8.08 19.61 -22.07
N GLU A 181 -8.65 19.77 -20.88
CA GLU A 181 -8.37 18.82 -19.80
C GLU A 181 -8.94 17.44 -20.10
N ILE A 182 -10.00 17.41 -20.89
CA ILE A 182 -10.54 16.17 -21.37
C ILE A 182 -9.70 15.61 -22.55
N VAL A 183 -9.37 16.45 -23.53
CA VAL A 183 -8.44 16.06 -24.61
C VAL A 183 -7.17 15.37 -24.05
N ASN A 184 -6.61 15.93 -22.99
CA ASN A 184 -5.35 15.46 -22.38
C ASN A 184 -5.55 14.55 -21.16
N TYR A 185 -6.80 14.16 -20.90
CA TYR A 185 -7.11 13.29 -19.77
C TYR A 185 -6.41 11.96 -19.83
N GLU A 186 -5.72 11.64 -18.75
CA GLU A 186 -5.14 10.31 -18.54
C GLU A 186 -5.58 9.83 -17.14
N PRO A 187 -6.32 8.73 -17.08
CA PRO A 187 -6.82 8.32 -15.76
C PRO A 187 -5.69 7.81 -14.87
N LEU A 188 -5.85 7.92 -13.56
CA LEU A 188 -4.90 7.28 -12.65
C LEU A 188 -5.08 5.75 -12.79
N GLY A 189 -3.98 4.99 -12.70
CA GLY A 189 -4.11 3.56 -12.82
C GLY A 189 -3.03 2.79 -12.06
N LEU A 190 -2.83 1.57 -12.51
CA LEU A 190 -1.96 0.62 -11.83
C LEU A 190 -0.49 1.06 -11.76
N GLU A 191 -0.07 1.84 -12.73
CA GLU A 191 1.30 2.36 -12.73
C GLU A 191 1.68 3.15 -11.48
N ALA A 192 0.74 3.83 -10.84
CA ALA A 192 1.06 4.57 -9.61
C ALA A 192 1.67 3.66 -8.52
N ASP A 193 1.14 2.44 -8.41
CA ASP A 193 1.66 1.46 -7.44
C ASP A 193 3.09 1.07 -7.76
N MET A 194 3.40 0.98 -9.05
CA MET A 194 4.75 0.63 -9.49
C MET A 194 5.79 1.71 -9.08
N TRP A 195 5.40 2.97 -9.24
CA TRP A 195 6.21 4.10 -8.77
C TRP A 195 6.49 3.91 -7.27
N SER A 196 5.41 3.62 -6.51
CA SER A 196 5.51 3.49 -5.02
C SER A 196 6.50 2.39 -4.61
N ILE A 197 6.47 1.29 -5.36
CA ILE A 197 7.34 0.14 -5.17
C ILE A 197 8.80 0.54 -5.42
N GLY A 198 9.04 1.39 -6.41
CA GLY A 198 10.37 1.95 -6.62
C GLY A 198 10.88 2.76 -5.42
N VAL A 199 9.99 3.56 -4.84
CA VAL A 199 10.35 4.40 -3.68
C VAL A 199 10.61 3.50 -2.45
N ILE A 200 9.73 2.49 -2.23
CA ILE A 200 9.91 1.51 -1.15
C ILE A 200 11.26 0.80 -1.29
N THR A 201 11.58 0.43 -2.51
CA THR A 201 12.86 -0.26 -2.75
C THR A 201 14.04 0.62 -2.37
N TYR A 202 14.03 1.85 -2.86
CA TYR A 202 15.07 2.80 -2.56
C TYR A 202 15.28 2.94 -1.06
N ILE A 203 14.18 3.18 -0.34
CA ILE A 203 14.27 3.41 1.13
C ILE A 203 14.71 2.15 1.90
N LEU A 204 14.32 0.97 1.41
CA LEU A 204 14.71 -0.27 2.08
C LEU A 204 16.23 -0.43 2.02
N LEU A 205 16.81 -0.10 0.86
CA LEU A 205 18.27 -0.23 0.65
C LEU A 205 19.14 0.82 1.36
N SER A 206 18.57 1.96 1.69
CA SER A 206 19.36 3.13 2.16
C SER A 206 18.92 3.71 3.51
N GLY A 207 17.66 3.55 3.87
CA GLY A 207 17.05 4.33 4.95
C GLY A 207 16.76 5.76 4.57
N ALA A 208 17.07 6.13 3.33
CA ALA A 208 16.87 7.47 2.78
C ALA A 208 15.60 7.55 1.91
N SER A 209 14.78 8.58 2.14
CA SER A 209 13.66 8.87 1.30
C SER A 209 14.11 9.70 0.08
N PRO A 210 13.86 9.19 -1.15
CA PRO A 210 14.45 9.81 -2.35
C PRO A 210 13.98 11.23 -2.72
N PHE A 211 12.73 11.55 -2.43
CA PHE A 211 12.17 12.86 -2.81
C PHE A 211 11.91 13.81 -1.66
N LEU A 212 12.21 13.37 -0.45
CA LEU A 212 11.85 14.12 0.72
C LEU A 212 12.56 15.46 0.71
N GLY A 213 11.79 16.55 0.86
CA GLY A 213 12.35 17.89 1.03
C GLY A 213 12.17 18.42 2.43
N GLU A 214 12.62 19.65 2.63
CA GLU A 214 12.50 20.28 3.94
C GLU A 214 11.07 20.64 4.31
N THR A 215 10.23 20.82 3.28
CA THR A 215 8.80 21.14 3.43
C THR A 215 7.99 20.16 2.59
N LYS A 216 6.75 19.90 2.96
CA LYS A 216 5.85 19.12 2.10
C LYS A 216 5.83 19.65 0.66
N GLN A 217 5.81 20.97 0.46
CA GLN A 217 5.82 21.47 -0.93
C GLN A 217 7.08 21.07 -1.69
N GLU A 218 8.21 21.11 -1.01
CA GLU A 218 9.45 20.71 -1.64
C GLU A 218 9.41 19.24 -2.05
N THR A 219 8.88 18.39 -1.19
CA THR A 219 8.71 16.96 -1.53
C THR A 219 7.85 16.80 -2.77
N LEU A 220 6.71 17.49 -2.81
CA LEU A 220 5.84 17.38 -4.00
C LEU A 220 6.53 17.83 -5.29
N THR A 221 7.27 18.93 -5.20
CA THR A 221 8.06 19.45 -6.31
C THR A 221 9.14 18.47 -6.79
N ASN A 222 9.80 17.83 -5.83
CA ASN A 222 10.82 16.84 -6.15
C ASN A 222 10.18 15.63 -6.83
N ILE A 223 9.01 15.19 -6.35
CA ILE A 223 8.34 14.03 -6.95
C ILE A 223 8.01 14.34 -8.42
N SER A 224 7.35 15.48 -8.64
CA SER A 224 6.92 15.90 -9.98
C SER A 224 8.09 15.98 -10.94
N ALA A 225 9.23 16.45 -10.45
CA ALA A 225 10.41 16.62 -11.30
C ALA A 225 11.26 15.34 -11.41
N VAL A 226 10.86 14.29 -10.67
CA VAL A 226 11.70 13.09 -10.50
C VAL A 226 13.14 13.48 -10.08
N ASN A 227 13.20 14.36 -9.08
CA ASN A 227 14.45 14.89 -8.63
C ASN A 227 14.99 14.01 -7.49
N TYR A 228 15.81 13.02 -7.84
CA TYR A 228 16.48 12.17 -6.86
C TYR A 228 17.82 11.70 -7.44
N ASP A 229 18.67 11.15 -6.59
CA ASP A 229 19.90 10.49 -7.05
C ASP A 229 20.23 9.35 -6.12
N PHE A 230 21.27 8.60 -6.45
CA PHE A 230 21.77 7.48 -5.65
C PHE A 230 23.00 7.98 -4.87
N ASP A 231 22.72 8.76 -3.86
CA ASP A 231 23.75 9.40 -3.08
C ASP A 231 24.77 8.39 -2.60
N GLU A 232 26.04 8.68 -2.84
CA GLU A 232 27.16 7.82 -2.40
C GLU A 232 27.21 7.55 -0.90
N GLU A 233 26.61 8.42 -0.08
CA GLU A 233 26.53 8.17 1.36
C GLU A 233 25.87 6.81 1.64
N TYR A 234 24.90 6.43 0.81
CA TYR A 234 24.11 5.22 1.04
C TYR A 234 24.33 4.13 -0.01
N PHE A 235 24.62 4.54 -1.24
CA PHE A 235 24.56 3.60 -2.37
C PHE A 235 25.91 3.24 -2.97
N SER A 236 26.99 3.57 -2.29
CA SER A 236 28.31 3.36 -2.89
C SER A 236 28.56 1.89 -3.27
N ASN A 237 27.99 0.97 -2.50
CA ASN A 237 28.15 -0.46 -2.73
C ASN A 237 26.88 -1.18 -3.25
N THR A 238 25.88 -0.42 -3.67
CA THR A 238 24.67 -1.01 -4.25
C THR A 238 24.90 -1.51 -5.68
N SER A 239 24.36 -2.70 -5.99
CA SER A 239 24.50 -3.30 -7.32
C SER A 239 23.87 -2.48 -8.45
N GLU A 240 24.44 -2.62 -9.63
CA GLU A 240 23.87 -1.98 -10.80
C GLU A 240 22.45 -2.49 -11.10
N LEU A 241 22.22 -3.77 -10.86
CA LEU A 241 20.89 -4.33 -11.06
C LEU A 241 19.85 -3.70 -10.12
N ALA A 242 20.21 -3.46 -8.86
CA ALA A 242 19.26 -2.85 -7.88
C ALA A 242 18.96 -1.43 -8.34
N LYS A 243 19.99 -0.70 -8.78
CA LYS A 243 19.76 0.67 -9.31
C LYS A 243 18.91 0.67 -10.57
N ASP A 244 19.14 -0.28 -11.46
CA ASP A 244 18.33 -0.37 -12.65
C ASP A 244 16.84 -0.64 -12.36
N PHE A 245 16.58 -1.51 -11.41
CA PHE A 245 15.22 -1.85 -10.97
C PHE A 245 14.48 -0.56 -10.52
N ILE A 246 15.16 0.23 -9.71
CA ILE A 246 14.58 1.47 -9.17
C ILE A 246 14.40 2.46 -10.31
N ARG A 247 15.42 2.61 -11.18
CA ARG A 247 15.30 3.60 -12.28
C ARG A 247 14.15 3.30 -13.19
N ARG A 248 13.91 2.02 -13.44
CA ARG A 248 12.86 1.60 -14.36
C ARG A 248 11.44 1.75 -13.77
N LEU A 249 11.36 1.99 -12.47
CA LEU A 249 10.12 2.33 -11.77
C LEU A 249 9.89 3.81 -11.50
N LEU A 250 10.97 4.54 -11.19
CA LEU A 250 10.88 5.97 -10.91
C LEU A 250 10.95 6.81 -12.21
N VAL A 251 9.89 6.68 -12.99
CA VAL A 251 9.77 7.29 -14.33
C VAL A 251 8.54 8.19 -14.33
N LYS A 252 8.69 9.44 -14.77
CA LYS A 252 7.62 10.43 -14.76
C LYS A 252 6.41 9.93 -15.54
N ASP A 253 6.66 9.50 -16.76
CA ASP A 253 5.60 9.01 -17.64
C ASP A 253 5.13 7.63 -17.19
N PRO A 254 3.90 7.53 -16.67
CA PRO A 254 3.43 6.22 -16.16
C PRO A 254 3.51 5.13 -17.19
N LYS A 255 3.25 5.49 -18.45
CA LYS A 255 3.26 4.51 -19.54
C LYS A 255 4.65 3.96 -19.82
N ARG A 256 5.70 4.58 -19.29
CA ARG A 256 7.07 4.06 -19.51
C ARG A 256 7.65 3.31 -18.31
N ARG A 257 6.87 3.23 -17.23
CA ARG A 257 7.30 2.45 -16.03
C ARG A 257 7.15 0.96 -16.25
N MET A 258 8.02 0.18 -15.61
CA MET A 258 7.84 -1.27 -15.56
C MET A 258 6.47 -1.58 -14.98
N THR A 259 5.81 -2.54 -15.61
CA THR A 259 4.57 -3.14 -15.11
C THR A 259 4.91 -4.15 -14.01
N ILE A 260 3.87 -4.62 -13.31
CA ILE A 260 4.12 -5.59 -12.23
C ILE A 260 4.74 -6.89 -12.83
N ALA A 261 4.25 -7.33 -14.00
CA ALA A 261 4.83 -8.51 -14.68
C ALA A 261 6.32 -8.29 -15.02
N GLN A 262 6.63 -7.13 -15.55
CA GLN A 262 8.03 -6.82 -15.88
C GLN A 262 8.92 -6.79 -14.64
N SER A 263 8.39 -6.25 -13.55
CA SER A 263 9.15 -6.15 -12.29
C SER A 263 9.52 -7.53 -11.78
N LEU A 264 8.57 -8.46 -11.86
CA LEU A 264 8.79 -9.84 -11.39
C LEU A 264 9.82 -10.58 -12.26
N GLU A 265 9.97 -10.16 -13.51
CA GLU A 265 10.96 -10.77 -14.43
C GLU A 265 12.31 -10.05 -14.47
N HIS A 266 12.41 -8.95 -13.76
CA HIS A 266 13.67 -8.24 -13.66
C HIS A 266 14.76 -9.10 -13.02
N SER A 267 15.97 -9.02 -13.57
CA SER A 267 17.09 -9.81 -13.09
C SER A 267 17.40 -9.67 -11.62
N TRP A 268 17.18 -8.48 -11.06
CA TRP A 268 17.44 -8.28 -9.64
C TRP A 268 16.51 -9.13 -8.79
N ILE A 269 15.25 -9.26 -9.23
CA ILE A 269 14.26 -10.07 -8.53
C ILE A 269 14.37 -11.56 -8.85
N LYS A 270 14.59 -11.87 -10.11
CA LYS A 270 14.85 -13.26 -10.55
C LYS A 270 16.07 -13.92 -9.90
N ALA A 271 17.10 -13.12 -9.60
CA ALA A 271 18.39 -13.61 -9.09
C ALA A 271 18.26 -14.63 -7.95
N ILE A 272 19.01 -15.73 -8.07
CA ILE A 272 19.06 -16.78 -7.06
C ILE A 272 19.86 -16.28 -5.85
N ARG A 273 19.24 -16.31 -4.67
CA ARG A 273 19.82 -15.82 -3.40
C ARG A 273 19.59 -16.82 -2.29
N ARG A 274 20.43 -16.76 -1.26
CA ARG A 274 20.20 -17.53 -0.01
C ARG A 274 19.13 -16.84 0.89
N ARG A 275 18.25 -17.66 1.49
CA ARG A 275 17.32 -17.21 2.55
C ARG A 275 18.18 -16.75 3.71
N ASN A 276 17.81 -15.65 4.39
CA ASN A 276 18.72 -15.07 5.38
C ASN A 276 18.73 -15.86 6.71
N VAL A 277 19.91 -15.91 7.32
CA VAL A 277 20.13 -16.64 8.57
C VAL A 277 20.04 -15.67 9.76
N ARG A 278 19.87 -16.20 10.97
CA ARG A 278 19.71 -15.36 12.17
C ARG A 278 21.06 -15.06 12.82
C1G 4RB B . -4.98 -4.27 9.63
C1E 4RB B . -5.53 -3.59 8.55
C1R 4RB B . -5.83 -2.23 8.65
C1Q 4RB B . -6.42 -1.50 7.42
O1D 4RB B . -6.53 -0.25 7.48
O1B 4RB B . -6.65 -2.21 6.41
C1F 4RB B . -5.51 -1.56 9.83
C1H 4RB B . -4.96 -2.24 10.91
C1S 4RB B . -4.68 -3.63 10.81
C1U 4RB B . -4.12 -4.42 11.86
C1K 4RB B . -4.20 -5.74 12.09
N1N 4RB B . -3.51 -6.07 13.21
C1V 4RB B . -2.99 -4.97 13.68
C1J 4RB B . -2.20 -4.74 14.77
C1I 4RB B . -1.80 -3.45 15.04
N1X 4RB B . -3.36 -3.89 12.86
N1O 4RB B . -2.95 -2.72 13.10
C1T 4RB B . -2.17 -2.45 14.15
N1P 4RB B . -1.72 -1.23 14.43
C1W 4RB B . -1.69 -0.14 13.51
C1L 4RB B . -3.10 0.46 13.64
C1A 4RB B . -3.17 1.92 13.30
C1M 4RB B . -1.30 -0.59 12.09
O1C 4RB B . 0.10 -0.93 11.99
C1 PGO C . -17.13 -9.89 5.92
C2 PGO C . -18.54 -9.92 6.50
C3 PGO C . -18.96 -11.30 7.04
O1 PGO C . -16.87 -11.00 5.04
O2 PGO C . -19.46 -9.49 5.49
C1 PGO D . 19.39 7.57 -11.16
C2 PGO D . 18.56 8.67 -11.76
C3 PGO D . 18.67 8.65 -13.28
O1 PGO D . 20.75 7.62 -11.65
O2 PGO D . 19.03 9.91 -11.20
C1 GOL E . -10.78 5.84 5.84
O1 GOL E . -10.34 6.86 4.97
C2 GOL E . -9.83 4.66 5.71
O2 GOL E . -10.50 3.48 6.06
C3 GOL E . -8.62 4.89 6.63
O3 GOL E . -7.61 3.90 6.44
#